data_3T8Y
#
_entry.id   3T8Y
#
_cell.length_a   53.715
_cell.length_b   53.679
_cell.length_c   131.565
_cell.angle_alpha   90.00
_cell.angle_beta   90.00
_cell.angle_gamma   90.00
#
_symmetry.space_group_name_H-M   'P 21 21 21'
#
loop_
_entity.id
_entity.type
_entity.pdbx_description
1 polymer 'Chemotaxis response regulator protein-glutamate methylesterase'
2 non-polymer 'LEAD (II) ION'
3 water water
#
_entity_poly.entity_id   1
_entity_poly.type   'polypeptide(L)'
_entity_poly.pdbx_seq_one_letter_code
;MGSSHHHHHHSSGLVPRGSHMTDRVIRVLVVDDSAFMRMVLKDIIDSQPDMKVVGFAKDGLEAVEKAIELKPDVITMDIE
MPNLNGIEALKLIMKKAPTRVIMVSSLTEEGAAITIEALRNGAVDFITKPHGSISLTFRQVAPELLEKIRQAMNVDPRTL
LFKP
;
_entity_poly.pdbx_strand_id   A,B
#
# COMPACT_ATOMS: atom_id res chain seq x y z
N ARG A 24 -4.67 -3.68 -9.61
CA ARG A 24 -5.77 -4.30 -8.83
C ARG A 24 -5.85 -3.79 -7.39
N VAL A 25 -4.89 -2.95 -7.01
CA VAL A 25 -4.87 -2.36 -5.68
C VAL A 25 -5.65 -1.05 -5.70
N ILE A 26 -6.77 -1.02 -4.98
CA ILE A 26 -7.60 0.19 -4.93
C ILE A 26 -6.89 1.26 -4.09
N ARG A 27 -6.70 2.44 -4.68
CA ARG A 27 -6.01 3.56 -4.06
C ARG A 27 -7.01 4.49 -3.36
N VAL A 28 -6.92 4.54 -2.03
CA VAL A 28 -7.84 5.33 -1.21
C VAL A 28 -7.25 6.56 -0.52
N LEU A 29 -8.00 7.65 -0.53
CA LEU A 29 -7.61 8.88 0.16
C LEU A 29 -8.54 8.99 1.35
N VAL A 30 -7.98 9.01 2.55
CA VAL A 30 -8.77 9.10 3.77
C VAL A 30 -8.83 10.53 4.29
N VAL A 31 -10.04 11.09 4.38
CA VAL A 31 -10.27 12.45 4.87
C VAL A 31 -11.08 12.46 6.16
N ASP A 32 -10.48 13.00 7.22
CA ASP A 32 -11.16 13.11 8.51
C ASP A 32 -10.35 14.07 9.37
N ASP A 33 -11.03 14.98 10.04
CA ASP A 33 -10.34 15.96 10.90
C ASP A 33 -9.75 15.34 12.16
N SER A 34 -10.18 14.12 12.48
CA SER A 34 -9.66 13.42 13.66
C SER A 34 -8.52 12.45 13.31
N ALA A 35 -7.34 12.71 13.85
CA ALA A 35 -6.17 11.87 13.61
C ALA A 35 -6.45 10.43 14.05
N PHE A 36 -7.17 10.29 15.16
CA PHE A 36 -7.48 8.97 15.66
C PHE A 36 -8.35 8.17 14.67
N MET A 37 -9.31 8.84 14.04
CA MET A 37 -10.17 8.17 13.06
C MET A 37 -9.39 7.84 11.80
N ARG A 38 -8.51 8.74 11.39
CA ARG A 38 -7.69 8.53 10.20
C ARG A 38 -6.83 7.28 10.40
N MET A 39 -6.39 7.06 11.64
CA MET A 39 -5.58 5.89 11.95
C MET A 39 -6.44 4.62 11.95
N VAL A 40 -7.64 4.73 12.52
CA VAL A 40 -8.58 3.61 12.58
C VAL A 40 -8.94 3.16 11.17
N LEU A 41 -9.24 4.12 10.31
CA LEU A 41 -9.59 3.85 8.92
C LEU A 41 -8.39 3.29 8.16
N LYS A 42 -7.19 3.76 8.50
CA LYS A 42 -5.97 3.29 7.85
C LYS A 42 -5.76 1.81 8.14
N ASP A 43 -5.97 1.42 9.40
CA ASP A 43 -5.81 0.03 9.80
C ASP A 43 -6.80 -0.87 9.06
N ILE A 44 -8.04 -0.40 8.94
CA ILE A 44 -9.09 -1.15 8.24
C ILE A 44 -8.77 -1.37 6.77
N ILE A 45 -8.44 -0.28 6.08
CA ILE A 45 -8.14 -0.31 4.66
C ILE A 45 -6.83 -1.00 4.29
N ASP A 46 -5.72 -0.58 4.90
CA ASP A 46 -4.39 -1.14 4.60
C ASP A 46 -4.22 -2.62 4.94
N SER A 47 -5.11 -3.15 5.76
CA SER A 47 -5.04 -4.57 6.15
C SER A 47 -5.62 -5.46 5.04
N GLN A 48 -6.26 -4.84 4.05
CA GLN A 48 -6.85 -5.58 2.94
C GLN A 48 -5.82 -5.82 1.84
N PRO A 49 -5.83 -7.01 1.23
CA PRO A 49 -4.88 -7.33 0.17
C PRO A 49 -5.07 -6.55 -1.13
N ASP A 50 -6.26 -5.96 -1.30
CA ASP A 50 -6.60 -5.23 -2.51
C ASP A 50 -6.78 -3.71 -2.34
N MET A 51 -6.27 -3.15 -1.24
CA MET A 51 -6.42 -1.71 -1.00
C MET A 51 -5.16 -1.08 -0.40
N LYS A 52 -4.97 0.20 -0.69
CA LYS A 52 -3.84 0.95 -0.16
C LYS A 52 -4.24 2.39 0.10
N VAL A 53 -3.95 2.89 1.29
CA VAL A 53 -4.24 4.28 1.60
C VAL A 53 -3.06 5.04 1.00
N VAL A 54 -3.33 5.85 -0.01
CA VAL A 54 -2.29 6.59 -0.69
C VAL A 54 -2.05 7.98 -0.11
N GLY A 55 -2.95 8.44 0.74
CA GLY A 55 -2.80 9.75 1.35
C GLY A 55 -3.84 10.05 2.39
N PHE A 56 -3.60 11.09 3.18
CA PHE A 56 -4.50 11.51 4.22
C PHE A 56 -4.79 13.00 4.09
N ALA A 57 -5.90 13.44 4.64
CA ALA A 57 -6.29 14.84 4.61
C ALA A 57 -7.04 15.09 5.90
N LYS A 58 -6.68 16.16 6.62
CA LYS A 58 -7.34 16.45 7.88
C LYS A 58 -8.41 17.54 7.83
N ASP A 59 -8.62 18.11 6.65
CA ASP A 59 -9.67 19.10 6.42
C ASP A 59 -10.06 19.15 4.94
N GLY A 60 -11.14 19.87 4.64
CA GLY A 60 -11.63 19.96 3.27
C GLY A 60 -10.65 20.51 2.24
N LEU A 61 -9.86 21.51 2.64
CA LEU A 61 -8.88 22.13 1.74
C LEU A 61 -7.83 21.11 1.32
N GLU A 62 -7.35 20.33 2.27
CA GLU A 62 -6.36 19.29 1.97
C GLU A 62 -7.01 18.20 1.14
N ALA A 63 -8.28 17.93 1.41
CA ALA A 63 -9.03 16.91 0.70
C ALA A 63 -9.04 17.20 -0.81
N VAL A 64 -9.33 18.44 -1.16
CA VAL A 64 -9.36 18.85 -2.56
C VAL A 64 -7.97 18.77 -3.18
N GLU A 65 -6.97 19.32 -2.49
CA GLU A 65 -5.59 19.31 -2.97
C GLU A 65 -5.07 17.89 -3.19
N LYS A 66 -5.30 17.02 -2.21
CA LYS A 66 -4.85 15.63 -2.29
C LYS A 66 -5.62 14.87 -3.37
N ALA A 67 -6.88 15.25 -3.60
CA ALA A 67 -7.68 14.59 -4.63
C ALA A 67 -7.09 14.85 -6.02
N ILE A 68 -6.63 16.09 -6.23
CA ILE A 68 -6.04 16.51 -7.50
C ILE A 68 -4.66 15.86 -7.68
N GLU A 69 -3.85 15.98 -6.65
CA GLU A 69 -2.49 15.46 -6.63
C GLU A 69 -2.37 13.94 -6.74
N LEU A 70 -3.08 13.21 -5.89
CA LEU A 70 -3.03 11.74 -5.86
C LEU A 70 -3.94 11.00 -6.82
N LYS A 71 -5.02 11.66 -7.24
CA LYS A 71 -6.00 11.03 -8.14
C LYS A 71 -6.40 9.66 -7.62
N PRO A 72 -6.86 9.59 -6.36
CA PRO A 72 -7.26 8.33 -5.73
C PRO A 72 -8.47 7.72 -6.42
N ASP A 73 -8.62 6.39 -6.30
CA ASP A 73 -9.75 5.69 -6.89
C ASP A 73 -11.00 5.94 -6.03
N VAL A 74 -10.81 5.95 -4.71
CA VAL A 74 -11.89 6.14 -3.77
C VAL A 74 -11.46 7.10 -2.65
N ILE A 75 -12.38 7.92 -2.18
CA ILE A 75 -12.12 8.87 -1.11
C ILE A 75 -13.13 8.65 0.00
N THR A 76 -12.65 8.51 1.24
CA THR A 76 -13.58 8.39 2.36
C THR A 76 -13.64 9.83 2.86
N MET A 77 -14.84 10.37 2.91
CA MET A 77 -15.03 11.77 3.26
C MET A 77 -15.83 12.11 4.52
N ASP A 78 -15.16 12.72 5.48
CA ASP A 78 -15.77 13.17 6.73
C ASP A 78 -16.47 14.49 6.37
N ILE A 79 -17.46 14.90 7.16
CA ILE A 79 -18.17 16.13 6.85
C ILE A 79 -17.69 17.32 7.67
N GLU A 80 -17.97 17.32 8.97
CA GLU A 80 -17.56 18.43 9.82
C GLU A 80 -16.05 18.45 9.99
N MET A 81 -15.43 19.45 9.39
CA MET A 81 -13.99 19.64 9.44
C MET A 81 -13.73 21.15 9.39
N PRO A 82 -12.60 21.60 9.96
CA PRO A 82 -12.29 23.03 9.95
C PRO A 82 -11.92 23.53 8.55
N ASN A 83 -12.07 24.84 8.36
CA ASN A 83 -11.72 25.50 7.11
C ASN A 83 -12.64 25.25 5.91
N LEU A 84 -13.01 23.98 5.69
CA LEU A 84 -13.90 23.62 4.60
C LEU A 84 -14.48 22.25 4.94
N ASN A 85 -15.80 22.15 4.96
CA ASN A 85 -16.42 20.87 5.31
C ASN A 85 -16.40 19.86 4.17
N GLY A 86 -16.77 18.62 4.50
CA GLY A 86 -16.78 17.53 3.54
C GLY A 86 -17.72 17.68 2.36
N ILE A 87 -18.86 18.34 2.58
CA ILE A 87 -19.83 18.54 1.50
C ILE A 87 -19.22 19.49 0.47
N GLU A 88 -18.60 20.57 0.97
CA GLU A 88 -17.97 21.56 0.10
C GLU A 88 -16.75 21.01 -0.64
N ALA A 89 -15.99 20.14 0.03
CA ALA A 89 -14.82 19.52 -0.59
C ALA A 89 -15.31 18.62 -1.72
N LEU A 90 -16.36 17.85 -1.45
CA LEU A 90 -16.96 16.94 -2.42
C LEU A 90 -17.33 17.65 -3.72
N LYS A 91 -17.99 18.80 -3.61
CA LYS A 91 -18.39 19.57 -4.80
C LYS A 91 -17.19 19.99 -5.64
N LEU A 92 -16.16 20.52 -4.99
CA LEU A 92 -14.95 20.96 -5.68
C LEU A 92 -14.19 19.80 -6.34
N ILE A 93 -14.16 18.64 -5.67
CA ILE A 93 -13.49 17.46 -6.20
C ILE A 93 -14.23 16.95 -7.44
N MET A 94 -15.55 16.87 -7.37
CA MET A 94 -16.34 16.38 -8.50
C MET A 94 -16.24 17.30 -9.73
N LYS A 95 -15.81 18.54 -9.52
CA LYS A 95 -15.66 19.49 -10.61
C LYS A 95 -14.23 19.49 -11.14
N LYS A 96 -13.25 19.52 -10.24
CA LYS A 96 -11.83 19.55 -10.62
C LYS A 96 -11.15 18.21 -10.87
N ALA A 97 -11.49 17.19 -10.08
CA ALA A 97 -10.89 15.86 -10.22
C ALA A 97 -11.89 14.81 -9.72
N PRO A 98 -12.99 14.62 -10.46
CA PRO A 98 -14.05 13.66 -10.14
C PRO A 98 -13.60 12.23 -9.88
N THR A 99 -14.11 11.66 -8.79
CA THR A 99 -13.78 10.29 -8.41
C THR A 99 -14.86 9.78 -7.45
N ARG A 100 -14.73 8.53 -7.04
CA ARG A 100 -15.68 7.89 -6.14
C ARG A 100 -15.51 8.33 -4.70
N VAL A 101 -16.56 8.91 -4.13
CA VAL A 101 -16.50 9.38 -2.75
C VAL A 101 -17.55 8.72 -1.87
N ILE A 102 -17.10 8.22 -0.73
CA ILE A 102 -17.98 7.57 0.24
C ILE A 102 -17.93 8.45 1.47
N MET A 103 -19.09 8.99 1.85
CA MET A 103 -19.16 9.86 3.02
C MET A 103 -19.11 8.97 4.25
N VAL A 104 -18.24 9.33 5.20
CA VAL A 104 -18.10 8.58 6.46
C VAL A 104 -18.20 9.64 7.55
N SER A 105 -19.38 9.75 8.15
CA SER A 105 -19.65 10.76 9.18
C SER A 105 -20.74 10.32 10.13
N SER A 106 -20.80 10.96 11.30
CA SER A 106 -21.82 10.66 12.29
C SER A 106 -23.15 11.28 11.84
N LEU A 107 -23.08 12.24 10.93
CA LEU A 107 -24.25 12.94 10.41
C LEU A 107 -24.96 12.19 9.29
N THR A 108 -24.21 11.48 8.46
CA THR A 108 -24.80 10.74 7.34
C THR A 108 -25.54 9.48 7.79
N GLU A 109 -26.79 9.68 8.21
CA GLU A 109 -27.64 8.57 8.64
C GLU A 109 -28.61 8.26 7.49
N GLU A 110 -29.23 7.09 7.55
CA GLU A 110 -30.19 6.69 6.51
C GLU A 110 -31.37 7.68 6.50
N GLY A 111 -31.70 8.17 5.31
CA GLY A 111 -32.81 9.09 5.16
C GLY A 111 -32.57 10.53 5.58
N ALA A 112 -31.39 10.82 6.14
CA ALA A 112 -31.05 12.16 6.58
C ALA A 112 -30.84 13.14 5.43
N ALA A 113 -31.22 14.39 5.66
CA ALA A 113 -31.09 15.45 4.67
C ALA A 113 -29.66 15.65 4.17
N ILE A 114 -28.69 15.58 5.07
CA ILE A 114 -27.29 15.78 4.69
C ILE A 114 -26.78 14.61 3.84
N THR A 115 -27.32 13.42 4.08
CA THR A 115 -26.97 12.22 3.32
C THR A 115 -27.49 12.41 1.89
N ILE A 116 -28.73 12.88 1.79
CA ILE A 116 -29.35 13.15 0.49
C ILE A 116 -28.54 14.21 -0.25
N GLU A 117 -28.10 15.24 0.47
CA GLU A 117 -27.32 16.31 -0.13
C GLU A 117 -25.98 15.82 -0.68
N ALA A 118 -25.33 14.93 0.05
CA ALA A 118 -24.05 14.37 -0.39
C ALA A 118 -24.27 13.59 -1.68
N LEU A 119 -25.28 12.72 -1.66
CA LEU A 119 -25.60 11.89 -2.80
C LEU A 119 -25.93 12.70 -4.05
N ARG A 120 -26.74 13.74 -3.90
CA ARG A 120 -27.10 14.57 -5.05
C ARG A 120 -25.89 15.29 -5.64
N ASN A 121 -24.88 15.53 -4.81
CA ASN A 121 -23.68 16.21 -5.26
C ASN A 121 -22.57 15.30 -5.82
N GLY A 122 -22.89 14.05 -6.10
CA GLY A 122 -21.89 13.16 -6.67
C GLY A 122 -21.35 12.02 -5.82
N ALA A 123 -21.62 12.01 -4.52
CA ALA A 123 -21.13 10.93 -3.67
C ALA A 123 -21.81 9.61 -4.04
N VAL A 124 -21.03 8.53 -4.06
CA VAL A 124 -21.56 7.22 -4.41
C VAL A 124 -22.34 6.55 -3.28
N ASP A 125 -21.84 6.67 -2.05
CA ASP A 125 -22.51 6.04 -0.91
C ASP A 125 -22.07 6.70 0.42
N PHE A 126 -22.48 6.11 1.53
CA PHE A 126 -22.15 6.64 2.85
C PHE A 126 -22.10 5.58 3.93
N ILE A 127 -21.41 5.93 5.01
CA ILE A 127 -21.26 5.06 6.17
C ILE A 127 -21.64 5.92 7.37
N THR A 128 -22.42 5.36 8.27
CA THR A 128 -22.83 6.09 9.46
C THR A 128 -21.90 5.69 10.59
N LYS A 129 -21.13 6.65 11.07
CA LYS A 129 -20.22 6.40 12.18
C LYS A 129 -21.07 6.10 13.40
N PRO A 130 -20.86 4.94 14.04
CA PRO A 130 -21.66 4.66 15.23
C PRO A 130 -20.98 5.32 16.43
N HIS A 131 -21.77 5.85 17.36
CA HIS A 131 -21.24 6.50 18.56
C HIS A 131 -20.33 7.73 18.32
N GLY A 132 -20.83 8.73 17.62
CA GLY A 132 -20.06 9.94 17.39
C GLY A 132 -18.96 9.96 16.35
N SER A 133 -18.38 11.15 16.17
CA SER A 133 -17.32 11.39 15.21
C SER A 133 -16.04 10.60 15.47
N ILE A 134 -15.78 10.30 16.74
CA ILE A 134 -14.57 9.56 17.13
C ILE A 134 -14.89 8.43 18.09
N SER A 135 -14.55 7.20 17.71
CA SER A 135 -14.77 6.03 18.57
C SER A 135 -14.17 4.75 18.01
N LEU A 136 -13.89 3.81 18.91
CA LEU A 136 -13.34 2.50 18.54
C LEU A 136 -14.44 1.63 17.97
N THR A 137 -15.66 1.91 18.40
CA THR A 137 -16.85 1.18 17.97
C THR A 137 -17.02 1.24 16.45
N PHE A 138 -16.27 2.15 15.81
CA PHE A 138 -16.32 2.33 14.36
C PHE A 138 -16.05 1.02 13.63
N ARG A 139 -15.27 0.14 14.25
CA ARG A 139 -14.92 -1.15 13.67
C ARG A 139 -16.17 -2.00 13.38
N GLN A 140 -17.30 -1.61 13.97
CA GLN A 140 -18.58 -2.30 13.75
C GLN A 140 -18.95 -2.24 12.27
N VAL A 141 -18.79 -1.05 11.69
CA VAL A 141 -19.11 -0.82 10.28
C VAL A 141 -17.92 -1.04 9.35
N ALA A 142 -16.84 -1.63 9.87
CA ALA A 142 -15.65 -1.88 9.06
C ALA A 142 -15.95 -2.77 7.85
N PRO A 143 -16.61 -3.93 8.04
CA PRO A 143 -16.94 -4.79 6.90
C PRO A 143 -17.78 -4.04 5.85
N GLU A 144 -18.72 -3.24 6.32
CA GLU A 144 -19.59 -2.46 5.44
C GLU A 144 -18.79 -1.45 4.62
N LEU A 145 -17.87 -0.76 5.26
CA LEU A 145 -17.04 0.23 4.57
C LEU A 145 -16.21 -0.44 3.48
N LEU A 146 -15.60 -1.57 3.80
CA LEU A 146 -14.77 -2.27 2.81
C LEU A 146 -15.62 -2.69 1.62
N GLU A 147 -16.84 -3.12 1.92
CA GLU A 147 -17.79 -3.54 0.89
C GLU A 147 -18.11 -2.35 -0.03
N LYS A 148 -18.36 -1.19 0.57
CA LYS A 148 -18.67 0.02 -0.19
C LYS A 148 -17.53 0.45 -1.09
N ILE A 149 -16.30 0.36 -0.57
CA ILE A 149 -15.12 0.74 -1.34
C ILE A 149 -14.98 -0.16 -2.58
N ARG A 150 -15.17 -1.46 -2.40
CA ARG A 150 -15.05 -2.41 -3.51
C ARG A 150 -16.18 -2.21 -4.52
N GLN A 151 -17.39 -2.04 -4.02
CA GLN A 151 -18.56 -1.84 -4.85
C GLN A 151 -18.51 -0.55 -5.67
N ALA A 152 -17.92 0.49 -5.09
CA ALA A 152 -17.80 1.79 -5.75
C ALA A 152 -17.02 1.73 -7.05
N MET A 153 -16.05 0.82 -7.11
CA MET A 153 -15.23 0.64 -8.32
C MET A 153 -16.10 0.11 -9.48
N ASN A 154 -17.32 -0.30 -9.16
CA ASN A 154 -18.24 -0.82 -10.17
C ASN A 154 -19.17 0.23 -10.77
N VAL A 155 -18.92 1.50 -10.44
CA VAL A 155 -19.73 2.60 -10.97
C VAL A 155 -18.86 3.80 -11.34
N ASP A 156 -19.35 4.56 -12.33
CA ASP A 156 -18.65 5.74 -12.80
C ASP A 156 -19.38 7.02 -12.44
N PRO A 157 -18.77 7.87 -11.60
CA PRO A 157 -19.39 9.12 -11.18
C PRO A 157 -19.35 10.23 -12.25
N ASP B 23 -1.07 7.31 -10.75
CA ASP B 23 -0.01 6.32 -10.41
C ASP B 23 -0.57 4.93 -10.06
N ARG B 24 0.34 3.99 -9.81
CA ARG B 24 -0.02 2.61 -9.48
C ARG B 24 0.75 2.12 -8.26
N VAL B 25 0.16 1.21 -7.50
CA VAL B 25 0.78 0.66 -6.29
C VAL B 25 1.63 -0.57 -6.58
N ILE B 26 2.91 -0.50 -6.23
CA ILE B 26 3.82 -1.62 -6.45
C ILE B 26 3.67 -2.65 -5.33
N ARG B 27 3.27 -3.86 -5.70
CA ARG B 27 3.06 -4.95 -4.76
C ARG B 27 4.36 -5.69 -4.49
N VAL B 28 4.82 -5.63 -3.24
CA VAL B 28 6.08 -6.24 -2.83
C VAL B 28 6.02 -7.45 -1.90
N LEU B 29 6.86 -8.46 -2.19
CA LEU B 29 6.98 -9.65 -1.36
C LEU B 29 8.34 -9.53 -0.65
N VAL B 30 8.31 -9.50 0.67
CA VAL B 30 9.54 -9.36 1.45
C VAL B 30 10.03 -10.72 1.94
N VAL B 31 11.24 -11.09 1.55
CA VAL B 31 11.84 -12.36 1.95
C VAL B 31 13.14 -12.18 2.74
N ASP B 32 13.12 -12.61 4.00
CA ASP B 32 14.29 -12.53 4.86
C ASP B 32 14.05 -13.45 6.06
N ASP B 33 15.07 -14.20 6.47
CA ASP B 33 14.94 -15.12 7.61
C ASP B 33 14.96 -14.46 8.99
N SER B 34 15.03 -13.13 9.01
CA SER B 34 15.03 -12.37 10.25
C SER B 34 13.71 -11.62 10.35
N ALA B 35 12.92 -11.92 11.38
CA ALA B 35 11.64 -11.25 11.56
C ALA B 35 11.88 -9.76 11.79
N PHE B 36 12.97 -9.44 12.49
CA PHE B 36 13.31 -8.05 12.76
C PHE B 36 13.56 -7.29 11.45
N MET B 37 14.29 -7.92 10.52
CA MET B 37 14.57 -7.29 9.23
C MET B 37 13.31 -7.19 8.38
N ARG B 38 12.44 -8.19 8.48
CA ARG B 38 11.19 -8.15 7.71
C ARG B 38 10.35 -6.96 8.18
N MET B 39 10.38 -6.69 9.49
CA MET B 39 9.63 -5.57 10.02
C MET B 39 10.28 -4.24 9.57
N VAL B 40 11.60 -4.20 9.53
CA VAL B 40 12.32 -3.00 9.10
C VAL B 40 12.01 -2.68 7.64
N LEU B 41 12.05 -3.70 6.79
CA LEU B 41 11.75 -3.53 5.37
C LEU B 41 10.30 -3.15 5.17
N LYS B 42 9.41 -3.71 5.99
CA LYS B 42 7.99 -3.41 5.92
C LYS B 42 7.72 -1.94 6.18
N ASP B 43 8.36 -1.40 7.23
CA ASP B 43 8.20 0.00 7.59
C ASP B 43 8.64 0.92 6.46
N ILE B 44 9.78 0.60 5.86
CA ILE B 44 10.32 1.39 4.75
C ILE B 44 9.39 1.37 3.53
N ILE B 45 8.94 0.18 3.15
CA ILE B 45 8.08 0.00 1.99
C ILE B 45 6.63 0.48 2.19
N ASP B 46 6.00 0.08 3.29
CA ASP B 46 4.61 0.47 3.55
C ASP B 46 4.40 1.95 3.83
N SER B 47 5.47 2.65 4.19
CA SER B 47 5.37 4.08 4.46
C SER B 47 5.27 4.90 3.18
N GLN B 48 5.45 4.25 2.03
CA GLN B 48 5.37 4.94 0.74
C GLN B 48 3.97 4.87 0.17
N PRO B 49 3.49 5.97 -0.45
CA PRO B 49 2.15 6.01 -1.03
C PRO B 49 1.96 5.13 -2.26
N ASP B 50 3.07 4.71 -2.88
CA ASP B 50 3.00 3.89 -4.09
C ASP B 50 3.53 2.46 -3.95
N MET B 51 3.51 1.93 -2.72
CA MET B 51 3.98 0.58 -2.47
C MET B 51 3.17 -0.06 -1.38
N LYS B 52 3.08 -1.39 -1.44
CA LYS B 52 2.32 -2.16 -0.45
C LYS B 52 2.93 -3.55 -0.33
N VAL B 53 3.32 -3.92 0.89
CA VAL B 53 3.88 -5.25 1.13
C VAL B 53 2.70 -6.21 1.16
N VAL B 54 2.61 -7.04 0.13
CA VAL B 54 1.51 -8.00 0.03
C VAL B 54 1.78 -9.36 0.66
N GLY B 55 3.01 -9.57 1.12
CA GLY B 55 3.36 -10.83 1.75
C GLY B 55 4.77 -10.87 2.34
N PHE B 56 5.01 -11.86 3.20
CA PHE B 56 6.29 -12.06 3.85
C PHE B 56 6.68 -13.52 3.75
N ALA B 57 7.99 -13.79 3.64
CA ALA B 57 8.50 -15.16 3.57
C ALA B 57 9.73 -15.21 4.46
N LYS B 58 9.80 -16.24 5.32
CA LYS B 58 10.95 -16.36 6.23
C LYS B 58 12.04 -17.30 5.73
N ASP B 59 11.81 -17.95 4.60
CA ASP B 59 12.79 -18.83 3.98
C ASP B 59 12.58 -18.96 2.47
N GLY B 60 13.48 -19.68 1.80
CA GLY B 60 13.38 -19.84 0.36
C GLY B 60 12.16 -20.61 -0.12
N LEU B 61 11.72 -21.58 0.68
CA LEU B 61 10.54 -22.37 0.34
C LEU B 61 9.30 -21.49 0.33
N GLU B 62 9.16 -20.66 1.36
CA GLU B 62 8.02 -19.75 1.46
C GLU B 62 8.10 -18.72 0.35
N ALA B 63 9.32 -18.28 0.04
CA ALA B 63 9.54 -17.30 -1.01
C ALA B 63 8.93 -17.76 -2.34
N VAL B 64 9.21 -19.01 -2.71
CA VAL B 64 8.66 -19.57 -3.96
C VAL B 64 7.14 -19.72 -3.94
N GLU B 65 6.62 -20.30 -2.85
CA GLU B 65 5.18 -20.51 -2.70
C GLU B 65 4.40 -19.20 -2.79
N LYS B 66 4.90 -18.18 -2.09
CA LYS B 66 4.25 -16.87 -2.08
C LYS B 66 4.39 -16.10 -3.39
N ALA B 67 5.50 -16.29 -4.09
CA ALA B 67 5.70 -15.61 -5.37
C ALA B 67 4.68 -16.15 -6.39
N ILE B 68 4.34 -17.43 -6.27
CA ILE B 68 3.37 -18.06 -7.18
C ILE B 68 1.95 -17.66 -6.80
N GLU B 69 1.68 -17.67 -5.51
CA GLU B 69 0.37 -17.32 -4.95
C GLU B 69 0.02 -15.84 -5.09
N LEU B 70 0.92 -14.96 -4.68
CA LEU B 70 0.69 -13.52 -4.73
C LEU B 70 1.04 -12.80 -6.02
N LYS B 71 1.91 -13.40 -6.83
CA LYS B 71 2.36 -12.78 -8.10
C LYS B 71 2.76 -11.33 -7.84
N PRO B 72 3.73 -11.11 -6.93
CA PRO B 72 4.18 -9.76 -6.61
C PRO B 72 4.92 -9.08 -7.75
N ASP B 73 4.87 -7.76 -7.79
CA ASP B 73 5.55 -6.96 -8.80
C ASP B 73 7.05 -6.97 -8.53
N VAL B 74 7.40 -6.92 -7.25
CA VAL B 74 8.80 -6.89 -6.80
C VAL B 74 8.98 -7.75 -5.56
N ILE B 75 10.14 -8.40 -5.49
CA ILE B 75 10.48 -9.27 -4.35
C ILE B 75 11.84 -8.84 -3.81
N THR B 76 11.90 -8.59 -2.50
CA THR B 76 13.18 -8.26 -1.89
C THR B 76 13.65 -9.62 -1.38
N MET B 77 14.80 -10.06 -1.85
CA MET B 77 15.32 -11.38 -1.53
C MET B 77 16.62 -11.49 -0.72
N ASP B 78 16.52 -12.06 0.47
CA ASP B 78 17.69 -12.30 1.32
C ASP B 78 18.33 -13.57 0.76
N ILE B 79 19.58 -13.84 1.08
CA ILE B 79 20.19 -15.06 0.54
C ILE B 79 20.24 -16.18 1.57
N GLU B 80 20.96 -15.96 2.66
CA GLU B 80 21.05 -16.96 3.69
C GLU B 80 19.79 -17.09 4.57
N MET B 81 19.08 -18.23 4.40
CA MET B 81 17.86 -18.62 5.13
C MET B 81 17.81 -20.14 5.30
N PRO B 82 16.90 -20.63 6.18
CA PRO B 82 16.77 -22.05 6.39
C PRO B 82 16.02 -22.73 5.20
N ASN B 83 16.35 -24.00 5.05
CA ASN B 83 15.80 -24.92 4.10
C ASN B 83 16.16 -24.74 2.64
N LEU B 84 16.38 -23.49 2.20
CA LEU B 84 16.74 -23.12 0.81
C LEU B 84 17.13 -21.64 0.64
N ASN B 85 18.36 -21.31 0.23
CA ASN B 85 18.77 -19.90 0.13
C ASN B 85 18.00 -19.11 -0.90
N GLY B 86 18.18 -17.79 -0.94
CA GLY B 86 17.50 -16.95 -1.88
C GLY B 86 17.95 -17.14 -3.33
N ILE B 87 19.18 -17.63 -3.51
CA ILE B 87 19.72 -17.87 -4.84
C ILE B 87 18.92 -18.99 -5.49
N GLU B 88 18.69 -20.05 -4.72
CA GLU B 88 17.91 -21.19 -5.20
C GLU B 88 16.44 -20.80 -5.35
N ALA B 89 15.97 -19.91 -4.48
CA ALA B 89 14.58 -19.46 -4.55
C ALA B 89 14.41 -18.61 -5.82
N LEU B 90 15.39 -17.74 -6.08
CA LEU B 90 15.37 -16.91 -7.28
C LEU B 90 15.22 -17.78 -8.52
N LYS B 91 16.01 -18.85 -8.58
CA LYS B 91 15.97 -19.77 -9.72
C LYS B 91 14.61 -20.40 -9.92
N LEU B 92 13.99 -20.89 -8.84
CA LEU B 92 12.67 -21.51 -8.93
C LEU B 92 11.59 -20.51 -9.32
N ILE B 93 11.72 -19.28 -8.83
CA ILE B 93 10.77 -18.21 -9.12
C ILE B 93 10.87 -17.74 -10.58
N MET B 94 12.10 -17.52 -11.06
CA MET B 94 12.29 -17.08 -12.43
C MET B 94 11.81 -18.12 -13.44
N LYS B 95 11.69 -19.35 -12.99
CA LYS B 95 11.24 -20.46 -13.83
C LYS B 95 9.73 -20.68 -13.74
N LYS B 96 9.18 -20.58 -12.53
CA LYS B 96 7.75 -20.82 -12.32
C LYS B 96 6.82 -19.60 -12.27
N ALA B 97 7.33 -18.48 -11.78
CA ALA B 97 6.55 -17.26 -11.69
C ALA B 97 7.51 -16.06 -11.73
N PRO B 98 8.20 -15.87 -12.87
CA PRO B 98 9.15 -14.77 -13.04
C PRO B 98 8.61 -13.39 -12.73
N THR B 99 9.44 -12.60 -12.08
CA THR B 99 9.10 -11.24 -11.69
C THR B 99 10.40 -10.56 -11.26
N ARG B 100 10.30 -9.30 -10.88
CA ARG B 100 11.46 -8.52 -10.48
C ARG B 100 11.93 -8.83 -9.07
N VAL B 101 13.20 -9.23 -8.96
CA VAL B 101 13.78 -9.56 -7.67
C VAL B 101 15.01 -8.71 -7.39
N ILE B 102 15.02 -8.06 -6.22
CA ILE B 102 16.14 -7.26 -5.79
C ILE B 102 16.75 -8.00 -4.59
N MET B 103 18.02 -8.38 -4.72
CA MET B 103 18.71 -9.07 -3.64
C MET B 103 19.01 -8.08 -2.53
N VAL B 104 18.70 -8.44 -1.29
CA VAL B 104 18.98 -7.58 -0.15
C VAL B 104 19.68 -8.52 0.83
N SER B 105 21.00 -8.39 0.91
CA SER B 105 21.80 -9.28 1.72
C SER B 105 23.13 -8.65 2.11
N SER B 106 23.74 -9.17 3.18
CA SER B 106 25.04 -8.68 3.63
C SER B 106 26.12 -9.21 2.70
N LEU B 107 25.81 -10.28 1.97
CA LEU B 107 26.75 -10.92 1.06
C LEU B 107 26.83 -10.27 -0.31
N THR B 108 25.74 -9.62 -0.71
CA THR B 108 25.70 -8.98 -2.02
C THR B 108 26.34 -7.60 -2.06
N GLU B 109 27.67 -7.57 -2.14
CA GLU B 109 28.38 -6.30 -2.25
C GLU B 109 28.84 -6.12 -3.69
N GLU B 110 29.17 -4.88 -4.05
CA GLU B 110 29.62 -4.57 -5.41
C GLU B 110 30.84 -5.42 -5.75
N GLY B 111 30.82 -6.04 -6.93
CA GLY B 111 31.94 -6.85 -7.37
C GLY B 111 32.02 -8.29 -6.87
N ALA B 112 31.21 -8.64 -5.88
CA ALA B 112 31.22 -9.99 -5.32
C ALA B 112 30.65 -11.06 -6.26
N ALA B 113 31.21 -12.26 -6.17
CA ALA B 113 30.81 -13.40 -6.99
C ALA B 113 29.34 -13.83 -6.84
N ILE B 114 28.82 -13.76 -5.62
CA ILE B 114 27.43 -14.14 -5.37
C ILE B 114 26.46 -13.12 -5.99
N THR B 115 26.85 -11.85 -6.00
CA THR B 115 26.03 -10.80 -6.60
C THR B 115 25.89 -11.10 -8.09
N ILE B 116 27.00 -11.45 -8.71
CA ILE B 116 27.04 -11.79 -10.13
C ILE B 116 26.18 -13.02 -10.40
N GLU B 117 26.27 -14.01 -9.49
CA GLU B 117 25.48 -15.22 -9.64
C GLU B 117 23.99 -14.92 -9.59
N ALA B 118 23.59 -13.99 -8.73
CA ALA B 118 22.19 -13.62 -8.63
C ALA B 118 21.74 -12.92 -9.92
N LEU B 119 22.56 -11.98 -10.37
CA LEU B 119 22.24 -11.24 -11.59
C LEU B 119 22.20 -12.17 -12.82
N ARG B 120 23.10 -13.14 -12.85
CA ARG B 120 23.17 -14.10 -13.94
C ARG B 120 21.94 -15.01 -13.92
N ASN B 121 21.31 -15.12 -12.76
CA ASN B 121 20.13 -15.96 -12.62
C ASN B 121 18.79 -15.23 -12.69
N GLY B 122 18.81 -13.96 -13.09
CA GLY B 122 17.57 -13.22 -13.21
C GLY B 122 17.29 -12.03 -12.32
N ALA B 123 18.04 -11.86 -11.24
CA ALA B 123 17.83 -10.73 -10.33
C ALA B 123 18.03 -9.41 -11.08
N VAL B 124 17.21 -8.41 -10.77
CA VAL B 124 17.33 -7.12 -11.44
C VAL B 124 18.39 -6.21 -10.81
N ASP B 125 18.54 -6.31 -9.49
CA ASP B 125 19.53 -5.49 -8.79
C ASP B 125 19.79 -6.03 -7.39
N PHE B 126 20.50 -5.25 -6.58
CA PHE B 126 20.83 -5.67 -5.23
C PHE B 126 21.07 -4.51 -4.30
N ILE B 127 20.98 -4.79 -3.00
CA ILE B 127 21.21 -3.81 -1.95
C ILE B 127 22.18 -4.50 -0.99
N THR B 128 23.21 -3.80 -0.58
CA THR B 128 24.17 -4.36 0.35
C THR B 128 23.75 -3.98 1.76
N LYS B 129 23.39 -4.98 2.57
CA LYS B 129 23.00 -4.68 3.95
C LYS B 129 24.25 -4.21 4.68
N PRO B 130 24.19 -3.04 5.33
CA PRO B 130 25.37 -2.56 6.03
C PRO B 130 25.38 -3.15 7.45
N HIS B 131 26.56 -3.52 7.93
CA HIS B 131 26.73 -4.08 9.27
C HIS B 131 25.97 -5.39 9.58
N GLY B 132 26.15 -6.40 8.73
CA GLY B 132 25.50 -7.68 8.97
C GLY B 132 24.09 -7.92 8.46
N SER B 133 23.59 -9.13 8.73
CA SER B 133 22.26 -9.56 8.31
C SER B 133 21.13 -8.85 9.05
N ILE B 134 21.38 -8.47 10.30
CA ILE B 134 20.37 -7.79 11.12
C ILE B 134 20.93 -6.52 11.73
N SER B 135 20.30 -5.39 11.43
CA SER B 135 20.71 -4.10 11.98
C SER B 135 19.72 -2.98 11.69
N LEU B 136 19.62 -2.05 12.64
CA LEU B 136 18.75 -0.89 12.53
C LEU B 136 19.38 0.11 11.58
N THR B 137 20.68 -0.04 11.36
CA THR B 137 21.44 0.85 10.49
C THR B 137 21.11 0.60 9.02
N PHE B 138 20.26 -0.39 8.76
CA PHE B 138 19.85 -0.70 7.39
C PHE B 138 19.10 0.50 6.80
N ARG B 139 18.51 1.30 7.68
CA ARG B 139 17.76 2.48 7.28
C ARG B 139 18.62 3.45 6.47
N GLN B 140 19.95 3.26 6.53
CA GLN B 140 20.89 4.09 5.78
C GLN B 140 20.67 3.89 4.28
N VAL B 141 20.27 2.67 3.93
CA VAL B 141 20.05 2.27 2.54
C VAL B 141 18.57 2.30 2.14
N ALA B 142 17.70 2.82 3.00
CA ALA B 142 16.27 2.89 2.70
C ALA B 142 15.97 3.63 1.39
N PRO B 143 16.50 4.86 1.22
CA PRO B 143 16.23 5.60 -0.03
C PRO B 143 16.70 4.82 -1.27
N GLU B 144 17.85 4.16 -1.16
CA GLU B 144 18.37 3.38 -2.29
C GLU B 144 17.48 2.19 -2.61
N LEU B 145 16.92 1.56 -1.57
CA LEU B 145 16.05 0.43 -1.79
C LEU B 145 14.78 0.87 -2.50
N LEU B 146 14.18 1.97 -2.02
CA LEU B 146 12.95 2.49 -2.59
C LEU B 146 13.16 2.85 -4.06
N GLU B 147 14.31 3.43 -4.31
CA GLU B 147 14.71 3.83 -5.64
C GLU B 147 14.79 2.62 -6.58
N LYS B 148 15.39 1.52 -6.11
CA LYS B 148 15.52 0.31 -6.92
C LYS B 148 14.19 -0.39 -7.15
N ILE B 149 13.29 -0.34 -6.17
CA ILE B 149 11.97 -0.96 -6.30
C ILE B 149 11.20 -0.23 -7.41
N ARG B 150 11.23 1.10 -7.37
CA ARG B 150 10.55 1.91 -8.37
C ARG B 150 11.18 1.74 -9.75
N GLN B 151 12.51 1.73 -9.80
CA GLN B 151 13.23 1.58 -11.06
C GLN B 151 13.05 0.19 -11.70
N ALA B 152 12.93 -0.84 -10.85
CA ALA B 152 12.76 -2.21 -11.32
C ALA B 152 11.52 -2.39 -12.17
N MET B 153 10.52 -1.53 -11.94
CA MET B 153 9.28 -1.60 -12.70
C MET B 153 9.49 -1.20 -14.16
N ASN B 154 10.63 -0.57 -14.45
CA ASN B 154 10.97 -0.15 -15.81
C ASN B 154 11.65 -1.21 -16.65
N VAL B 155 11.66 -2.44 -16.15
CA VAL B 155 12.26 -3.54 -16.87
C VAL B 155 11.45 -4.81 -16.71
N ASP B 156 11.47 -5.62 -17.75
CA ASP B 156 10.78 -6.91 -17.78
C ASP B 156 11.89 -7.87 -17.36
N PRO B 157 11.75 -8.55 -16.21
CA PRO B 157 12.79 -9.47 -15.76
C PRO B 157 12.99 -10.73 -16.59
N ARG B 158 11.95 -11.19 -17.26
CA ARG B 158 12.05 -12.40 -18.09
C ARG B 158 13.10 -12.22 -19.19
N THR B 159 13.39 -10.97 -19.54
CA THR B 159 14.37 -10.66 -20.58
C THR B 159 15.80 -10.72 -20.07
N LEU B 160 15.97 -10.66 -18.75
CA LEU B 160 17.31 -10.73 -18.15
C LEU B 160 17.76 -12.17 -17.90
#